data_4UCR
#
_entry.id   4UCR
#
_cell.length_a   137.660
_cell.length_b   137.660
_cell.length_c   56.070
_cell.angle_alpha   90.00
_cell.angle_beta   90.00
_cell.angle_gamma   90.00
#
_symmetry.space_group_name_H-M   'P 43 21 2'
#
loop_
_entity.id
_entity.type
_entity.pdbx_description
1 polymer 'DNA LIGASE'
2 non-polymer 1-(2,4-dimethylbenzyl)-6-oxo-1,6-dihydropyridine-3-carboxamide
3 non-polymer 8-hydroxy-2-methylquinoline-6-carboxamide
4 water water
#
_entity_poly.entity_id   1
_entity_poly.type   'polypeptide(L)'
_entity_poly.pdbx_seq_one_letter_code
;MTNIQTQLDNLRKTLRQYEYEYHVLDNPSVPDSEYDRLFHQLKALELEHPEFLTSDSPTQRVGAKPLSGFSQIRHEIPML
SLDNAFSDAEFNAFVKRIEDRLILLPKPLTFCCEPKLDGLAVSILYVNGELTQAATRGDGTTGEDITANIRTIRNVPLQL
LTDNPPARLEVRGEVFMPHAGFERLNKYALEHNEKTFANPRNAAAGSLRQLDPNITSKRPLVLNAYGIGIAEGVDLPTTH
YARLQWLKSIGIPVNPEIRLCNGADEVLGFYRDIQNKRSSLGYDIDGTVLKINDIALQNELGFISKAPRWAIAYKFPAQE
ELTL
;
_entity_poly.pdbx_strand_id   A
#
loop_
_chem_comp.id
_chem_comp.type
_chem_comp.name
_chem_comp.formula
IWH non-polymer 1-(2,4-dimethylbenzyl)-6-oxo-1,6-dihydropyridine-3-carboxamide 'C15 H16 N2 O2'
JCF non-polymer 8-hydroxy-2-methylquinoline-6-carboxamide 'C11 H10 N2 O2'
#
# COMPACT_ATOMS: atom_id res chain seq x y z
N MET A 1 -36.46 -3.75 -11.63
CA MET A 1 -36.14 -2.93 -10.48
C MET A 1 -36.93 -3.42 -9.26
N THR A 2 -36.24 -3.49 -8.10
CA THR A 2 -36.84 -3.90 -6.84
C THR A 2 -36.39 -2.95 -5.76
N ASN A 3 -37.18 -2.78 -4.70
CA ASN A 3 -36.77 -1.89 -3.62
C ASN A 3 -35.53 -2.43 -2.91
N ILE A 4 -35.43 -3.77 -2.72
CA ILE A 4 -34.30 -4.39 -2.02
C ILE A 4 -32.99 -4.10 -2.76
N GLN A 5 -32.93 -4.40 -4.07
CA GLN A 5 -31.75 -4.11 -4.88
C GLN A 5 -31.34 -2.64 -4.78
N THR A 6 -32.28 -1.70 -4.96
CA THR A 6 -32.02 -0.26 -4.79
C THR A 6 -31.46 0.05 -3.40
N GLN A 7 -32.09 -0.54 -2.35
CA GLN A 7 -31.67 -0.42 -0.94
C GLN A 7 -30.24 -0.91 -0.71
N LEU A 8 -29.87 -2.07 -1.28
CA LEU A 8 -28.54 -2.64 -1.18
C LEU A 8 -27.50 -1.81 -1.95
N ASP A 9 -27.86 -1.28 -3.14
CA ASP A 9 -26.91 -0.44 -3.89
C ASP A 9 -26.64 0.85 -3.16
N ASN A 10 -27.64 1.45 -2.52
CA ASN A 10 -27.46 2.71 -1.77
C ASN A 10 -26.57 2.53 -0.55
N LEU A 11 -26.79 1.43 0.22
CA LEU A 11 -26.01 1.12 1.41
C LEU A 11 -24.52 0.91 1.08
N ARG A 12 -24.26 0.14 0.03
CA ARG A 12 -22.90 -0.14 -0.45
C ARG A 12 -22.15 1.12 -0.89
N LYS A 13 -22.83 2.03 -1.62
CA LYS A 13 -22.23 3.31 -2.05
C LYS A 13 -21.90 4.22 -0.83
N THR A 14 -22.81 4.26 0.14
CA THR A 14 -22.67 5.08 1.35
C THR A 14 -21.52 4.58 2.24
N LEU A 15 -21.44 3.24 2.48
CA LEU A 15 -20.41 2.60 3.29
C LEU A 15 -19.03 2.76 2.70
N ARG A 16 -18.92 2.56 1.38
CA ARG A 16 -17.66 2.73 0.64
C ARG A 16 -17.15 4.17 0.76
N GLN A 17 -18.05 5.15 0.64
CA GLN A 17 -17.72 6.58 0.76
C GLN A 17 -17.28 6.94 2.18
N TYR A 18 -17.97 6.40 3.22
CA TYR A 18 -17.58 6.60 4.61
C TYR A 18 -16.20 5.96 4.93
N GLU A 19 -15.90 4.77 4.34
CA GLU A 19 -14.63 4.06 4.55
C GLU A 19 -13.50 4.92 3.97
N TYR A 20 -13.72 5.48 2.77
CA TYR A 20 -12.75 6.41 2.14
C TYR A 20 -12.48 7.61 3.06
N GLU A 21 -13.53 8.25 3.54
CA GLU A 21 -13.37 9.40 4.45
C GLU A 21 -12.60 9.06 5.70
N TYR A 22 -13.01 7.97 6.37
CA TYR A 22 -12.39 7.51 7.61
C TYR A 22 -10.95 7.04 7.39
N HIS A 23 -10.71 6.15 6.42
CA HIS A 23 -9.36 5.60 6.19
C HIS A 23 -8.37 6.48 5.38
N VAL A 24 -8.77 7.02 4.22
CA VAL A 24 -7.84 7.74 3.33
C VAL A 24 -7.76 9.23 3.62
N LEU A 25 -8.89 9.87 3.93
CA LEU A 25 -8.93 11.30 4.24
C LEU A 25 -8.69 11.58 5.72
N ASP A 26 -8.98 10.60 6.62
CA ASP A 26 -8.88 10.78 8.06
C ASP A 26 -9.78 11.97 8.47
N ASN A 27 -11.00 11.99 7.89
CA ASN A 27 -11.97 13.03 8.10
C ASN A 27 -13.37 12.44 7.90
N PRO A 28 -13.82 11.57 8.83
CA PRO A 28 -15.17 10.98 8.69
C PRO A 28 -16.29 12.02 8.86
N SER A 29 -17.30 11.99 7.96
CA SER A 29 -18.46 12.90 7.99
C SER A 29 -19.53 12.43 8.99
N VAL A 30 -19.43 11.19 9.48
CA VAL A 30 -20.40 10.66 10.44
C VAL A 30 -19.69 9.91 11.58
N PRO A 31 -20.38 9.74 12.75
CA PRO A 31 -19.78 8.96 13.84
C PRO A 31 -19.62 7.47 13.50
N ASP A 32 -18.63 6.77 14.09
CA ASP A 32 -18.42 5.31 13.89
C ASP A 32 -19.73 4.53 14.12
N SER A 33 -20.55 4.94 15.11
CA SER A 33 -21.86 4.27 15.42
C SER A 33 -22.84 4.33 14.25
N GLU A 34 -22.78 5.41 13.46
CA GLU A 34 -23.63 5.57 12.30
C GLU A 34 -23.15 4.62 11.18
N TYR A 35 -21.84 4.55 10.95
CA TYR A 35 -21.24 3.66 9.96
C TYR A 35 -21.66 2.20 10.26
N ASP A 36 -21.59 1.81 11.53
CA ASP A 36 -21.96 0.45 11.93
C ASP A 36 -23.46 0.17 11.80
N ARG A 37 -24.30 1.17 12.04
CA ARG A 37 -25.76 1.04 11.86
C ARG A 37 -26.09 0.58 10.43
N LEU A 38 -25.48 1.25 9.45
CA LEU A 38 -25.69 0.95 8.04
C LEU A 38 -25.06 -0.35 7.61
N PHE A 39 -23.87 -0.65 8.14
CA PHE A 39 -23.12 -1.87 7.85
C PHE A 39 -23.89 -3.14 8.23
N HIS A 40 -24.37 -3.26 9.46
N HIS A 40 -24.38 -3.22 9.48
CA HIS A 40 -25.05 -4.49 9.86
CA HIS A 40 -25.12 -4.41 9.96
C HIS A 40 -26.52 -4.51 9.35
C HIS A 40 -26.51 -4.50 9.34
N GLN A 41 -27.10 -3.35 8.94
CA GLN A 41 -28.39 -3.29 8.27
C GLN A 41 -28.24 -3.95 6.86
N LEU A 42 -27.12 -3.63 6.15
CA LEU A 42 -26.77 -4.19 4.85
C LEU A 42 -26.49 -5.69 4.99
N LYS A 43 -25.68 -6.07 6.00
CA LYS A 43 -25.37 -7.49 6.25
C LYS A 43 -26.66 -8.31 6.48
N ALA A 44 -27.63 -7.75 7.22
CA ALA A 44 -28.91 -8.42 7.49
C ALA A 44 -29.77 -8.63 6.24
N LEU A 45 -29.89 -7.59 5.40
CA LEU A 45 -30.68 -7.58 4.18
C LEU A 45 -30.09 -8.52 3.12
N GLU A 46 -28.77 -8.60 3.03
CA GLU A 46 -28.11 -9.54 2.10
C GLU A 46 -28.39 -10.97 2.49
N LEU A 47 -28.34 -11.28 3.80
CA LEU A 47 -28.62 -12.63 4.28
C LEU A 47 -30.10 -13.02 4.09
N GLU A 48 -31.02 -12.05 4.17
CA GLU A 48 -32.45 -12.28 3.96
C GLU A 48 -32.80 -12.44 2.45
N HIS A 49 -31.90 -11.99 1.54
CA HIS A 49 -32.06 -12.01 0.09
C HIS A 49 -30.70 -12.39 -0.53
N PRO A 50 -30.26 -13.65 -0.28
CA PRO A 50 -28.93 -14.08 -0.73
C PRO A 50 -28.63 -13.95 -2.24
N GLU A 51 -29.69 -13.91 -3.08
CA GLU A 51 -29.59 -13.72 -4.53
C GLU A 51 -28.92 -12.36 -4.93
N PHE A 52 -28.98 -11.33 -4.05
CA PHE A 52 -28.39 -10.01 -4.33
C PHE A 52 -27.04 -9.80 -3.62
N LEU A 53 -26.34 -10.89 -3.26
CA LEU A 53 -25.04 -10.80 -2.59
C LEU A 53 -23.96 -10.67 -3.63
N THR A 54 -23.03 -9.75 -3.39
CA THR A 54 -21.90 -9.53 -4.30
C THR A 54 -20.63 -9.87 -3.55
N SER A 55 -19.64 -10.37 -4.27
CA SER A 55 -18.37 -10.77 -3.70
C SER A 55 -17.49 -9.61 -3.25
N ASP A 56 -17.78 -8.37 -3.72
CA ASP A 56 -16.99 -7.18 -3.40
C ASP A 56 -17.77 -6.22 -2.49
N SER A 57 -18.84 -6.72 -1.82
CA SER A 57 -19.64 -5.92 -0.90
C SER A 57 -18.83 -5.63 0.35
N PRO A 58 -18.98 -4.43 0.97
CA PRO A 58 -18.26 -4.14 2.22
C PRO A 58 -18.33 -5.20 3.32
N THR A 59 -19.40 -6.00 3.36
CA THR A 59 -19.59 -7.06 4.36
C THR A 59 -18.88 -8.40 4.04
N GLN A 60 -18.22 -8.53 2.86
CA GLN A 60 -17.56 -9.77 2.40
C GLN A 60 -16.02 -9.77 2.45
N ARG A 61 -15.42 -9.14 3.47
CA ARG A 61 -13.95 -9.10 3.57
C ARG A 61 -13.31 -10.38 4.11
N VAL A 62 -14.05 -11.17 4.92
CA VAL A 62 -13.51 -12.37 5.56
C VAL A 62 -14.00 -13.67 4.92
N GLY A 63 -13.06 -14.45 4.38
CA GLY A 63 -13.33 -15.77 3.82
C GLY A 63 -13.61 -16.69 4.99
N ALA A 64 -14.88 -17.17 5.11
CA ALA A 64 -15.37 -18.01 6.23
C ALA A 64 -14.67 -19.38 6.42
N LYS A 65 -13.90 -19.82 5.41
CA LYS A 65 -13.18 -21.09 5.40
C LYS A 65 -11.65 -20.83 5.28
N PRO A 66 -10.79 -21.50 6.09
CA PRO A 66 -9.33 -21.29 5.96
C PRO A 66 -8.72 -21.94 4.72
N LEU A 67 -7.52 -21.49 4.34
CA LEU A 67 -6.78 -22.06 3.22
C LEU A 67 -5.95 -23.25 3.73
N SER A 68 -5.46 -24.08 2.80
CA SER A 68 -4.62 -25.25 3.11
C SER A 68 -3.13 -24.84 3.05
N GLY A 69 -2.81 -23.94 2.11
CA GLY A 69 -1.48 -23.37 1.90
C GLY A 69 -1.56 -22.21 0.93
N PHE A 70 -0.41 -21.59 0.57
CA PHE A 70 -0.39 -20.47 -0.38
C PHE A 70 0.19 -20.91 -1.72
N SER A 71 -0.46 -20.47 -2.81
CA SER A 71 0.01 -20.78 -4.16
C SER A 71 1.09 -19.77 -4.54
N GLN A 72 1.85 -20.05 -5.61
CA GLN A 72 2.92 -19.16 -6.08
C GLN A 72 2.44 -18.34 -7.27
N ILE A 73 2.76 -17.03 -7.29
CA ILE A 73 2.40 -16.09 -8.36
C ILE A 73 3.69 -15.49 -8.90
N ARG A 74 3.89 -15.57 -10.22
CA ARG A 74 5.03 -14.95 -10.90
C ARG A 74 4.52 -13.57 -11.33
N HIS A 75 5.20 -12.49 -10.92
CA HIS A 75 4.75 -11.14 -11.27
C HIS A 75 5.00 -10.90 -12.76
N GLU A 76 4.09 -10.18 -13.46
CA GLU A 76 4.27 -9.89 -14.89
C GLU A 76 5.38 -8.87 -15.08
N ILE A 77 5.42 -7.88 -14.18
CA ILE A 77 6.44 -6.84 -14.14
C ILE A 77 7.22 -7.16 -12.85
N PRO A 78 8.57 -7.10 -12.83
CA PRO A 78 9.28 -7.39 -11.57
C PRO A 78 9.09 -6.34 -10.47
N MET A 79 8.89 -6.80 -9.21
CA MET A 79 8.76 -5.92 -8.05
C MET A 79 10.17 -5.56 -7.59
N LEU A 80 10.51 -4.27 -7.68
CA LEU A 80 11.84 -3.81 -7.30
C LEU A 80 11.98 -3.65 -5.79
N SER A 81 13.23 -3.53 -5.34
CA SER A 81 13.63 -3.28 -3.96
C SER A 81 14.54 -2.05 -4.01
N LEU A 82 14.90 -1.44 -2.87
CA LEU A 82 15.72 -0.24 -2.89
C LEU A 82 17.17 -0.48 -2.47
N ASP A 83 18.07 0.34 -3.05
CA ASP A 83 19.47 0.44 -2.67
C ASP A 83 19.45 1.44 -1.50
N ASN A 84 20.53 1.52 -0.72
CA ASN A 84 20.58 2.37 0.48
C ASN A 84 21.84 3.22 0.60
N ALA A 85 21.74 4.20 1.50
CA ALA A 85 22.79 5.15 1.88
C ALA A 85 22.71 5.34 3.41
N PHE A 86 23.85 5.67 4.07
CA PHE A 86 23.93 5.85 5.52
C PHE A 86 24.48 7.20 5.96
N SER A 87 24.79 8.11 5.02
CA SER A 87 25.32 9.43 5.40
C SER A 87 24.97 10.49 4.35
N ASP A 88 25.03 11.78 4.75
CA ASP A 88 24.80 12.92 3.85
C ASP A 88 25.78 12.88 2.64
N ALA A 89 27.06 12.51 2.88
CA ALA A 89 28.05 12.43 1.81
C ALA A 89 27.75 11.27 0.84
N GLU A 90 27.35 10.10 1.37
CA GLU A 90 26.97 8.94 0.53
C GLU A 90 25.73 9.29 -0.31
N PHE A 91 24.76 10.01 0.29
CA PHE A 91 23.58 10.47 -0.45
C PHE A 91 24.01 11.48 -1.54
N ASN A 92 24.89 12.43 -1.18
CA ASN A 92 25.42 13.41 -2.14
C ASN A 92 26.20 12.79 -3.31
N ALA A 93 26.82 11.59 -3.11
CA ALA A 93 27.50 10.86 -4.18
C ALA A 93 26.49 10.18 -5.12
N PHE A 94 25.46 9.55 -4.54
CA PHE A 94 24.36 8.95 -5.31
C PHE A 94 23.74 10.01 -6.25
N VAL A 95 23.56 11.27 -5.77
CA VAL A 95 23.04 12.38 -6.57
C VAL A 95 24.07 12.78 -7.65
N LYS A 96 25.33 13.04 -7.24
CA LYS A 96 26.41 13.44 -8.16
C LYS A 96 26.58 12.46 -9.32
N ARG A 97 26.44 11.14 -9.08
CA ARG A 97 26.53 10.13 -10.13
C ARG A 97 25.36 10.29 -11.13
N ILE A 98 24.14 10.57 -10.63
CA ILE A 98 22.95 10.80 -11.46
C ILE A 98 23.15 12.04 -12.33
N GLU A 99 23.69 13.11 -11.75
CA GLU A 99 23.95 14.35 -12.52
C GLU A 99 24.89 14.10 -13.68
N ASP A 100 25.93 13.25 -13.47
CA ASP A 100 26.92 12.90 -14.49
C ASP A 100 26.33 11.96 -15.53
N ARG A 101 25.53 10.97 -15.10
CA ARG A 101 24.91 9.97 -16.00
C ARG A 101 23.78 10.53 -16.87
N LEU A 102 22.97 11.49 -16.37
CA LEU A 102 21.87 12.03 -17.16
C LEU A 102 22.39 12.82 -18.38
N ILE A 103 21.73 12.64 -19.51
CA ILE A 103 22.09 13.33 -20.76
C ILE A 103 21.90 14.84 -20.53
N LEU A 104 20.69 15.22 -20.10
CA LEU A 104 20.34 16.62 -19.78
C LEU A 104 19.81 16.66 -18.33
N LEU A 105 20.45 17.46 -17.47
CA LEU A 105 20.06 17.60 -16.07
C LEU A 105 19.15 18.85 -15.96
N PRO A 106 17.90 18.74 -15.45
CA PRO A 106 17.04 19.94 -15.34
C PRO A 106 17.54 20.94 -14.29
N LYS A 107 17.12 22.22 -14.42
CA LYS A 107 17.53 23.31 -13.51
C LYS A 107 17.30 22.86 -12.08
N PRO A 108 16.07 22.68 -11.57
CA PRO A 108 15.92 22.04 -10.25
C PRO A 108 15.75 20.53 -10.47
N LEU A 109 16.59 19.69 -9.83
CA LEU A 109 16.40 18.23 -9.88
C LEU A 109 15.40 17.92 -8.74
N THR A 110 14.13 17.63 -9.09
CA THR A 110 13.08 17.42 -8.10
C THR A 110 12.97 15.95 -7.64
N PHE A 111 12.89 15.75 -6.32
CA PHE A 111 12.76 14.45 -5.69
C PHE A 111 11.44 14.36 -4.94
N CYS A 112 10.79 13.19 -4.97
CA CYS A 112 9.57 12.91 -4.20
C CYS A 112 10.04 12.14 -2.98
N CYS A 113 9.90 12.73 -1.77
CA CYS A 113 10.43 12.16 -0.53
C CYS A 113 9.35 11.68 0.42
N GLU A 114 9.61 10.56 1.10
CA GLU A 114 8.66 9.95 2.02
C GLU A 114 9.34 9.16 3.10
N PRO A 115 8.68 8.95 4.26
CA PRO A 115 9.27 8.07 5.28
C PRO A 115 9.34 6.63 4.81
N LYS A 116 10.42 5.90 5.17
CA LYS A 116 10.57 4.50 4.80
C LYS A 116 9.85 3.65 5.84
N LEU A 117 8.65 3.15 5.52
CA LEU A 117 7.85 2.32 6.42
C LEU A 117 8.53 0.98 6.69
N ASP A 118 8.51 0.50 7.94
CA ASP A 118 9.10 -0.81 8.27
C ASP A 118 8.03 -1.88 8.13
N GLY A 119 7.62 -2.12 6.89
CA GLY A 119 6.55 -3.07 6.58
C GLY A 119 6.97 -4.13 5.59
N LEU A 120 5.96 -4.73 4.94
CA LEU A 120 6.15 -5.78 3.93
C LEU A 120 5.53 -5.36 2.62
N ALA A 121 6.33 -5.43 1.54
CA ALA A 121 5.91 -5.07 0.20
C ALA A 121 4.91 -6.06 -0.38
N VAL A 122 3.79 -5.55 -0.91
CA VAL A 122 2.73 -6.35 -1.53
C VAL A 122 2.32 -5.75 -2.87
N SER A 123 1.78 -6.58 -3.77
CA SER A 123 1.22 -6.16 -5.06
C SER A 123 -0.28 -6.52 -5.04
N ILE A 124 -1.20 -5.56 -5.38
CA ILE A 124 -2.67 -5.78 -5.36
C ILE A 124 -3.26 -5.44 -6.73
N LEU A 125 -3.88 -6.42 -7.42
CA LEU A 125 -4.46 -6.25 -8.74
C LEU A 125 -5.96 -5.89 -8.70
N TYR A 126 -6.34 -4.83 -9.42
CA TYR A 126 -7.75 -4.44 -9.60
C TYR A 126 -8.10 -4.63 -11.09
N VAL A 127 -9.02 -5.54 -11.40
CA VAL A 127 -9.50 -5.78 -12.79
C VAL A 127 -10.88 -5.11 -12.91
N ASN A 128 -10.95 -4.02 -13.71
CA ASN A 128 -12.14 -3.19 -13.92
C ASN A 128 -12.66 -2.68 -12.57
N GLY A 129 -11.73 -2.19 -11.76
CA GLY A 129 -11.99 -1.67 -10.42
C GLY A 129 -12.26 -2.65 -9.29
N GLU A 130 -12.19 -3.97 -9.53
CA GLU A 130 -12.48 -5.00 -8.52
C GLU A 130 -11.21 -5.72 -8.07
N LEU A 131 -11.01 -5.85 -6.75
CA LEU A 131 -9.82 -6.52 -6.21
C LEU A 131 -9.90 -8.01 -6.55
N THR A 132 -9.00 -8.50 -7.44
CA THR A 132 -9.00 -9.91 -7.86
C THR A 132 -7.89 -10.73 -7.24
N GLN A 133 -6.65 -10.20 -7.17
CA GLN A 133 -5.53 -10.92 -6.56
C GLN A 133 -4.55 -10.00 -5.86
N ALA A 134 -3.80 -10.59 -4.95
CA ALA A 134 -2.79 -9.91 -4.18
C ALA A 134 -1.62 -10.87 -3.91
N ALA A 135 -0.38 -10.39 -3.98
CA ALA A 135 0.79 -11.22 -3.72
C ALA A 135 1.90 -10.49 -2.95
N THR A 136 2.77 -11.27 -2.30
CA THR A 136 3.93 -10.75 -1.58
C THR A 136 4.98 -10.45 -2.63
N ARG A 137 6.00 -9.67 -2.28
N ARG A 137 6.02 -9.66 -2.29
CA ARG A 137 7.10 -9.38 -3.21
CA ARG A 137 7.11 -9.38 -3.24
C ARG A 137 7.93 -10.63 -3.51
C ARG A 137 7.90 -10.66 -3.53
N GLY A 138 8.19 -11.45 -2.49
CA GLY A 138 9.02 -12.65 -2.60
C GLY A 138 10.44 -12.26 -2.96
N ASP A 139 10.94 -12.74 -4.11
CA ASP A 139 12.28 -12.41 -4.61
C ASP A 139 12.23 -11.32 -5.71
N GLY A 140 11.04 -10.74 -5.93
CA GLY A 140 10.85 -9.75 -6.98
C GLY A 140 10.38 -10.33 -8.30
N THR A 141 10.53 -11.67 -8.48
CA THR A 141 10.06 -12.41 -9.65
C THR A 141 8.83 -13.25 -9.28
N THR A 142 8.89 -13.96 -8.13
CA THR A 142 7.84 -14.83 -7.63
C THR A 142 7.49 -14.48 -6.20
N GLY A 143 6.19 -14.47 -5.89
CA GLY A 143 5.67 -14.24 -4.55
C GLY A 143 4.58 -15.24 -4.21
N GLU A 144 3.89 -15.05 -3.09
CA GLU A 144 2.83 -15.97 -2.66
C GLU A 144 1.46 -15.28 -2.71
N ASP A 145 0.41 -16.06 -3.06
CA ASP A 145 -0.96 -15.57 -3.18
C ASP A 145 -1.48 -15.26 -1.79
N ILE A 146 -1.75 -13.97 -1.49
CA ILE A 146 -2.27 -13.52 -0.18
C ILE A 146 -3.58 -12.72 -0.32
N THR A 147 -4.35 -13.01 -1.38
CA THR A 147 -5.64 -12.39 -1.70
C THR A 147 -6.62 -12.38 -0.56
N ALA A 148 -6.87 -13.55 0.06
CA ALA A 148 -7.81 -13.69 1.18
C ALA A 148 -7.42 -12.87 2.41
N ASN A 149 -6.10 -12.73 2.66
CA ASN A 149 -5.57 -11.93 3.79
C ASN A 149 -5.63 -10.40 3.52
N ILE A 150 -5.32 -9.97 2.29
CA ILE A 150 -5.35 -8.56 1.91
C ILE A 150 -6.79 -8.00 1.93
N ARG A 151 -7.79 -8.82 1.53
CA ARG A 151 -9.19 -8.42 1.57
C ARG A 151 -9.68 -8.04 2.95
N THR A 152 -9.07 -8.64 4.00
CA THR A 152 -9.44 -8.36 5.39
C THR A 152 -8.99 -6.97 5.86
N ILE A 153 -8.03 -6.32 5.16
CA ILE A 153 -7.45 -5.05 5.58
C ILE A 153 -8.50 -3.96 5.35
N ARG A 154 -8.85 -3.25 6.43
CA ARG A 154 -9.92 -2.24 6.48
C ARG A 154 -9.74 -1.08 5.56
N ASN A 155 -8.50 -0.59 5.36
CA ASN A 155 -8.25 0.55 4.47
C ASN A 155 -7.96 0.18 3.01
N VAL A 156 -8.01 -1.11 2.68
CA VAL A 156 -7.82 -1.60 1.31
C VAL A 156 -9.20 -1.67 0.67
N PRO A 157 -9.49 -0.84 -0.35
CA PRO A 157 -10.83 -0.93 -0.95
C PRO A 157 -11.00 -2.24 -1.76
N LEU A 158 -12.17 -2.87 -1.65
CA LEU A 158 -12.49 -4.06 -2.46
C LEU A 158 -12.85 -3.62 -3.88
N GLN A 159 -13.23 -2.34 -4.06
CA GLN A 159 -13.52 -1.75 -5.35
C GLN A 159 -13.03 -0.30 -5.38
N LEU A 160 -12.42 0.14 -6.51
CA LEU A 160 -11.89 1.50 -6.65
C LEU A 160 -12.99 2.58 -6.69
N LEU A 161 -12.79 3.74 -6.03
CA LEU A 161 -13.78 4.85 -6.00
C LEU A 161 -13.70 5.61 -7.30
N THR A 162 -14.27 5.08 -8.36
CA THR A 162 -14.27 5.72 -9.67
C THR A 162 -15.27 5.05 -10.60
N ASP A 163 -15.93 5.86 -11.45
CA ASP A 163 -16.88 5.34 -12.42
C ASP A 163 -16.17 4.87 -13.71
N ASN A 164 -14.88 5.22 -13.87
CA ASN A 164 -14.08 4.82 -15.02
C ASN A 164 -12.72 4.27 -14.58
N PRO A 165 -12.73 3.10 -13.89
CA PRO A 165 -11.48 2.49 -13.45
C PRO A 165 -10.65 1.94 -14.58
N PRO A 166 -9.30 1.83 -14.42
CA PRO A 166 -8.49 1.21 -15.49
C PRO A 166 -8.90 -0.24 -15.74
N ALA A 167 -8.65 -0.74 -16.97
CA ALA A 167 -8.96 -2.13 -17.32
C ALA A 167 -8.20 -3.07 -16.34
N ARG A 168 -6.93 -2.75 -16.07
CA ARG A 168 -6.12 -3.46 -15.09
C ARG A 168 -5.19 -2.48 -14.38
N LEU A 169 -5.22 -2.47 -13.05
CA LEU A 169 -4.33 -1.60 -12.23
C LEU A 169 -3.73 -2.42 -11.10
N GLU A 170 -2.39 -2.41 -10.99
CA GLU A 170 -1.68 -3.14 -9.94
C GLU A 170 -1.04 -2.14 -9.01
N VAL A 171 -1.50 -2.11 -7.75
CA VAL A 171 -1.01 -1.20 -6.72
C VAL A 171 0.07 -1.91 -5.88
N ARG A 172 1.24 -1.26 -5.69
CA ARG A 172 2.34 -1.76 -4.88
C ARG A 172 2.43 -0.90 -3.60
N GLY A 173 2.44 -1.55 -2.45
CA GLY A 173 2.47 -0.85 -1.18
C GLY A 173 3.01 -1.63 -0.02
N GLU A 174 3.11 -0.97 1.13
CA GLU A 174 3.62 -1.57 2.35
C GLU A 174 2.47 -1.92 3.27
N VAL A 175 2.45 -3.17 3.80
CA VAL A 175 1.48 -3.58 4.81
C VAL A 175 2.21 -3.52 6.17
N PHE A 176 1.68 -2.72 7.10
CA PHE A 176 2.31 -2.53 8.40
C PHE A 176 1.26 -2.53 9.50
N MET A 177 1.74 -2.55 10.76
CA MET A 177 0.85 -2.50 11.92
C MET A 177 1.20 -1.27 12.75
N PRO A 178 0.28 -0.28 12.87
CA PRO A 178 0.59 0.89 13.72
C PRO A 178 0.83 0.55 15.19
N HIS A 179 1.54 1.44 15.90
CA HIS A 179 1.83 1.26 17.35
C HIS A 179 0.61 0.94 18.22
N ALA A 180 -0.49 1.67 18.03
CA ALA A 180 -1.70 1.44 18.84
C ALA A 180 -2.28 0.02 18.70
N GLY A 181 -2.36 -0.49 17.46
CA GLY A 181 -2.85 -1.83 17.18
C GLY A 181 -1.94 -2.94 17.68
N PHE A 182 -0.61 -2.74 17.53
CA PHE A 182 0.44 -3.65 18.02
C PHE A 182 0.36 -3.78 19.55
N GLU A 183 0.13 -2.66 20.27
CA GLU A 183 0.00 -2.66 21.73
C GLU A 183 -1.25 -3.43 22.20
N ARG A 184 -2.41 -3.24 21.53
CA ARG A 184 -3.66 -3.97 21.82
C ARG A 184 -3.42 -5.47 21.62
N LEU A 185 -2.88 -5.84 20.45
CA LEU A 185 -2.62 -7.24 20.06
C LEU A 185 -1.78 -7.97 21.08
N ASN A 186 -0.72 -7.31 21.60
CA ASN A 186 0.14 -7.94 22.61
C ASN A 186 -0.58 -8.05 23.98
N LYS A 187 -1.39 -7.06 24.35
CA LYS A 187 -2.18 -7.08 25.60
C LYS A 187 -3.12 -8.31 25.55
N TYR A 188 -3.84 -8.46 24.41
CA TYR A 188 -4.73 -9.60 24.14
C TYR A 188 -3.94 -10.91 24.11
N ALA A 189 -2.81 -10.96 23.37
CA ALA A 189 -1.98 -12.17 23.27
C ALA A 189 -1.40 -12.65 24.60
N LEU A 190 -0.93 -11.72 25.45
CA LEU A 190 -0.36 -12.07 26.76
C LEU A 190 -1.48 -12.52 27.73
N GLU A 191 -2.65 -11.85 27.68
CA GLU A 191 -3.80 -12.21 28.53
C GLU A 191 -4.70 -13.33 27.92
N HIS A 192 -4.11 -14.17 27.02
CA HIS A 192 -4.76 -15.33 26.41
C HIS A 192 -3.71 -16.47 26.22
N ASN A 193 -2.59 -16.45 27.00
CA ASN A 193 -1.48 -17.43 26.90
C ASN A 193 -1.08 -17.73 25.44
N GLU A 194 -1.00 -16.66 24.61
CA GLU A 194 -0.62 -16.74 23.20
C GLU A 194 0.73 -16.03 22.97
N LYS A 195 1.30 -16.25 21.78
CA LYS A 195 2.57 -15.70 21.32
C LYS A 195 2.53 -14.16 21.17
N THR A 196 3.42 -13.45 21.89
CA THR A 196 3.58 -11.99 21.76
C THR A 196 4.63 -11.72 20.66
N PHE A 197 4.60 -10.52 20.06
CA PHE A 197 5.53 -10.17 18.97
C PHE A 197 6.58 -9.19 19.44
N ALA A 198 7.83 -9.35 18.95
CA ALA A 198 8.93 -8.47 19.36
C ALA A 198 8.71 -7.04 18.89
N ASN A 199 8.28 -6.88 17.64
CA ASN A 199 8.05 -5.54 17.08
C ASN A 199 6.88 -5.56 16.07
N PRO A 200 6.34 -4.39 15.66
CA PRO A 200 5.22 -4.39 14.72
C PRO A 200 5.47 -5.04 13.33
N ARG A 201 6.75 -5.10 12.85
CA ARG A 201 7.08 -5.71 11.55
C ARG A 201 6.92 -7.21 11.64
N ASN A 202 7.40 -7.82 12.73
CA ASN A 202 7.20 -9.27 12.94
C ASN A 202 5.68 -9.57 13.12
N ALA A 203 4.95 -8.68 13.79
CA ALA A 203 3.49 -8.82 13.96
C ALA A 203 2.77 -8.77 12.61
N ALA A 204 3.19 -7.86 11.73
CA ALA A 204 2.64 -7.71 10.37
C ALA A 204 2.99 -8.95 9.49
N ALA A 205 4.25 -9.41 9.52
CA ALA A 205 4.69 -10.59 8.76
C ALA A 205 3.95 -11.85 9.19
N GLY A 206 3.77 -12.03 10.50
CA GLY A 206 3.03 -13.15 11.06
C GLY A 206 1.55 -13.16 10.69
N SER A 207 0.93 -11.96 10.61
CA SER A 207 -0.49 -11.82 10.27
C SER A 207 -0.77 -12.17 8.82
N LEU A 208 0.13 -11.77 7.90
CA LEU A 208 0.00 -12.07 6.48
C LEU A 208 0.30 -13.53 6.12
N ARG A 209 1.00 -14.28 7.00
N ARG A 209 0.97 -14.28 7.02
CA ARG A 209 1.30 -15.70 6.77
CA ARG A 209 1.32 -15.70 6.86
C ARG A 209 0.18 -16.62 7.32
C ARG A 209 0.15 -16.60 7.28
N GLN A 210 -0.87 -16.05 7.95
CA GLN A 210 -2.02 -16.82 8.45
C GLN A 210 -2.85 -17.40 7.30
N LEU A 211 -3.07 -18.72 7.32
CA LEU A 211 -3.89 -19.39 6.31
C LEU A 211 -5.39 -19.13 6.58
N ASP A 212 -5.80 -18.88 7.84
CA ASP A 212 -7.19 -18.59 8.18
C ASP A 212 -7.43 -17.05 8.14
N PRO A 213 -8.24 -16.53 7.16
CA PRO A 213 -8.52 -15.07 7.12
C PRO A 213 -9.27 -14.52 8.33
N ASN A 214 -9.96 -15.38 9.08
CA ASN A 214 -10.67 -14.99 10.29
C ASN A 214 -9.72 -14.50 11.37
N ILE A 215 -8.49 -15.02 11.39
CA ILE A 215 -7.45 -14.59 12.31
C ILE A 215 -6.90 -13.27 11.77
N THR A 216 -6.47 -13.27 10.49
CA THR A 216 -5.91 -12.07 9.83
C THR A 216 -6.78 -10.81 10.02
N SER A 217 -8.14 -10.95 10.00
CA SER A 217 -9.08 -9.86 10.19
C SER A 217 -9.00 -9.24 11.58
N LYS A 218 -8.62 -10.02 12.61
CA LYS A 218 -8.45 -9.52 13.99
C LYS A 218 -7.04 -8.91 14.22
N ARG A 219 -6.20 -8.77 13.15
CA ARG A 219 -4.88 -8.16 13.23
C ARG A 219 -4.98 -6.76 12.63
N PRO A 220 -4.69 -5.70 13.40
CA PRO A 220 -4.89 -4.34 12.87
C PRO A 220 -3.86 -3.87 11.83
N LEU A 221 -3.93 -4.47 10.63
CA LEU A 221 -3.04 -4.17 9.52
C LEU A 221 -3.53 -2.97 8.71
N VAL A 222 -2.59 -2.29 8.06
CA VAL A 222 -2.79 -1.07 7.31
C VAL A 222 -1.94 -1.08 6.02
N LEU A 223 -2.44 -0.51 4.94
CA LEU A 223 -1.70 -0.34 3.68
C LEU A 223 -1.43 1.12 3.39
N ASN A 224 -0.24 1.40 2.84
CA ASN A 224 0.12 2.69 2.25
C ASN A 224 0.76 2.33 0.91
N ALA A 225 0.16 2.78 -0.20
CA ALA A 225 0.68 2.49 -1.54
C ALA A 225 1.88 3.40 -1.87
N TYR A 226 2.94 2.83 -2.47
CA TYR A 226 4.13 3.57 -2.89
C TYR A 226 4.33 3.60 -4.44
N GLY A 227 3.61 2.77 -5.20
CA GLY A 227 3.82 2.70 -6.65
C GLY A 227 2.84 1.85 -7.42
N ILE A 228 2.96 1.87 -8.75
CA ILE A 228 2.08 1.13 -9.66
C ILE A 228 2.90 0.15 -10.50
N GLY A 229 2.33 -1.01 -10.76
CA GLY A 229 2.94 -2.02 -11.63
C GLY A 229 2.31 -1.96 -13.00
N ILE A 230 1.43 -2.93 -13.26
CA ILE A 230 0.60 -3.00 -14.47
C ILE A 230 -0.39 -1.81 -14.41
N ALA A 231 -0.63 -1.17 -15.55
CA ALA A 231 -1.59 -0.08 -15.69
C ALA A 231 -2.06 -0.04 -17.14
N GLU A 232 -3.25 -0.60 -17.39
CA GLU A 232 -3.81 -0.74 -18.74
C GLU A 232 -5.14 -0.05 -18.79
N GLY A 233 -5.33 0.75 -19.83
CA GLY A 233 -6.55 1.54 -20.01
C GLY A 233 -6.53 2.81 -19.19
N VAL A 234 -5.33 3.44 -19.04
CA VAL A 234 -5.18 4.68 -18.27
C VAL A 234 -3.93 5.43 -18.69
N ASP A 235 -4.00 6.78 -18.64
CA ASP A 235 -2.85 7.63 -18.90
C ASP A 235 -2.33 8.10 -17.54
N LEU A 236 -1.32 7.37 -17.02
CA LEU A 236 -0.74 7.66 -15.71
C LEU A 236 -0.02 8.99 -15.70
N PRO A 237 -0.06 9.73 -14.58
CA PRO A 237 0.71 10.98 -14.49
C PRO A 237 2.22 10.79 -14.75
N THR A 238 2.87 11.84 -15.28
CA THR A 238 4.28 11.81 -15.72
C THR A 238 5.29 12.18 -14.61
N THR A 239 4.80 12.35 -13.38
CA THR A 239 5.61 12.59 -12.20
C THR A 239 5.12 11.57 -11.16
N HIS A 240 6.05 11.08 -10.34
CA HIS A 240 5.75 10.10 -9.31
C HIS A 240 4.75 10.61 -8.27
N TYR A 241 4.87 11.88 -7.84
CA TYR A 241 3.99 12.45 -6.84
C TYR A 241 2.54 12.52 -7.34
N ALA A 242 2.36 12.93 -8.60
CA ALA A 242 1.05 13.00 -9.25
C ALA A 242 0.40 11.61 -9.33
N ARG A 243 1.20 10.54 -9.53
CA ARG A 243 0.67 9.16 -9.56
C ARG A 243 0.11 8.75 -8.18
N LEU A 244 0.80 9.15 -7.10
CA LEU A 244 0.38 8.90 -5.70
C LEU A 244 -0.86 9.72 -5.36
N GLN A 245 -0.93 11.00 -5.82
CA GLN A 245 -2.14 11.81 -5.64
C GLN A 245 -3.32 11.18 -6.46
N TRP A 246 -3.04 10.63 -7.67
CA TRP A 246 -4.06 9.96 -8.46
C TRP A 246 -4.58 8.69 -7.75
N LEU A 247 -3.69 7.85 -7.19
CA LEU A 247 -4.10 6.65 -6.43
C LEU A 247 -4.96 7.09 -5.25
N LYS A 248 -4.51 8.11 -4.48
CA LYS A 248 -5.32 8.65 -3.36
C LYS A 248 -6.73 9.08 -3.82
N SER A 249 -6.81 9.74 -4.95
CA SER A 249 -8.07 10.24 -5.52
C SER A 249 -9.06 9.14 -5.99
N ILE A 250 -8.60 7.87 -6.23
CA ILE A 250 -9.49 6.79 -6.66
C ILE A 250 -9.73 5.74 -5.52
N GLY A 251 -9.49 6.14 -4.26
CA GLY A 251 -9.73 5.31 -3.08
C GLY A 251 -8.56 4.54 -2.48
N ILE A 252 -7.30 4.78 -2.95
CA ILE A 252 -6.13 4.05 -2.43
C ILE A 252 -5.42 4.82 -1.32
N PRO A 253 -5.12 4.18 -0.17
CA PRO A 253 -4.44 4.93 0.91
C PRO A 253 -2.94 5.17 0.61
N VAL A 254 -2.47 6.40 0.82
CA VAL A 254 -1.07 6.79 0.63
C VAL A 254 -0.62 7.52 1.90
N ASN A 255 0.70 7.52 2.16
CA ASN A 255 1.28 8.16 3.34
C ASN A 255 1.07 9.69 3.32
N PRO A 256 0.64 10.32 4.43
CA PRO A 256 0.45 11.80 4.43
C PRO A 256 1.71 12.64 4.56
N GLU A 257 2.88 12.04 4.84
CA GLU A 257 4.14 12.78 5.02
C GLU A 257 4.96 12.98 3.73
N ILE A 258 4.41 12.61 2.57
CA ILE A 258 5.12 12.71 1.29
C ILE A 258 5.26 14.20 0.85
N ARG A 259 6.49 14.63 0.49
CA ARG A 259 6.77 15.99 0.02
C ARG A 259 7.69 15.99 -1.21
N LEU A 260 7.69 17.13 -1.98
CA LEU A 260 8.57 17.32 -3.15
C LEU A 260 9.68 18.24 -2.74
N CYS A 261 10.95 17.84 -2.97
CA CYS A 261 12.15 18.64 -2.61
C CYS A 261 13.01 18.88 -3.86
N ASN A 262 13.53 20.12 -4.03
CA ASN A 262 14.41 20.46 -5.16
C ASN A 262 15.87 20.43 -4.77
N GLY A 263 16.59 19.42 -5.25
CA GLY A 263 18.02 19.29 -5.01
C GLY A 263 18.35 18.58 -3.72
N ALA A 264 19.63 18.20 -3.56
CA ALA A 264 20.10 17.43 -2.40
C ALA A 264 19.98 18.16 -1.05
N ASP A 265 20.22 19.46 -1.02
CA ASP A 265 20.14 20.21 0.24
C ASP A 265 18.71 20.25 0.83
N GLU A 266 17.68 20.44 -0.03
CA GLU A 266 16.28 20.43 0.42
C GLU A 266 15.88 19.01 0.84
N VAL A 267 16.37 17.98 0.09
CA VAL A 267 16.15 16.56 0.41
C VAL A 267 16.76 16.23 1.79
N LEU A 268 17.96 16.74 2.10
CA LEU A 268 18.58 16.53 3.41
C LEU A 268 17.76 17.21 4.54
N GLY A 269 17.13 18.35 4.25
CA GLY A 269 16.23 19.01 5.19
C GLY A 269 15.02 18.13 5.52
N PHE A 270 14.48 17.42 4.50
CA PHE A 270 13.38 16.48 4.68
C PHE A 270 13.81 15.29 5.55
N TYR A 271 15.01 14.74 5.30
CA TYR A 271 15.51 13.60 6.08
C TYR A 271 15.61 13.98 7.56
N ARG A 272 16.14 15.17 7.85
CA ARG A 272 16.30 15.67 9.22
C ARG A 272 14.93 15.89 9.89
N ASP A 273 13.97 16.47 9.14
CA ASP A 273 12.62 16.71 9.65
C ASP A 273 11.93 15.40 10.04
N ILE A 274 11.99 14.38 9.15
CA ILE A 274 11.40 13.07 9.38
C ILE A 274 12.10 12.32 10.53
N GLN A 275 13.44 12.47 10.65
CA GLN A 275 14.24 11.90 11.75
C GLN A 275 13.78 12.47 13.13
N ASN A 276 13.51 13.81 13.20
CA ASN A 276 13.03 14.45 14.43
C ASN A 276 11.54 14.13 14.74
N LYS A 277 10.73 13.75 13.70
CA LYS A 277 9.32 13.34 13.87
C LYS A 277 9.16 11.85 14.24
N ARG A 278 10.19 10.99 14.04
CA ARG A 278 10.18 9.54 14.34
C ARG A 278 9.39 9.14 15.61
N SER A 279 9.63 9.83 16.73
CA SER A 279 9.00 9.52 18.03
C SER A 279 7.49 9.84 18.11
N SER A 280 6.94 10.56 17.12
CA SER A 280 5.55 11.03 17.09
C SER A 280 4.64 10.40 16.02
N LEU A 281 5.17 9.64 15.03
CA LEU A 281 4.38 9.15 13.89
C LEU A 281 3.26 8.16 14.19
N GLY A 282 3.39 7.34 15.21
CA GLY A 282 2.36 6.33 15.51
C GLY A 282 2.52 5.03 14.74
N TYR A 283 3.66 4.85 14.03
CA TYR A 283 4.04 3.61 13.30
C TYR A 283 5.60 3.63 13.14
N ASP A 284 6.22 2.50 12.81
CA ASP A 284 7.69 2.42 12.64
C ASP A 284 8.21 2.77 11.25
N ILE A 285 9.37 3.47 11.22
CA ILE A 285 10.05 3.87 9.98
C ILE A 285 11.57 3.60 10.15
N ASP A 286 12.26 3.32 9.02
CA ASP A 286 13.69 2.94 8.94
C ASP A 286 14.59 4.08 8.43
N GLY A 287 13.99 5.08 7.81
CA GLY A 287 14.72 6.16 7.16
C GLY A 287 13.79 6.87 6.22
N THR A 288 14.31 7.48 5.14
CA THR A 288 13.48 8.10 4.12
C THR A 288 13.78 7.50 2.74
N VAL A 289 12.74 7.29 1.90
CA VAL A 289 12.87 6.85 0.52
C VAL A 289 12.83 8.11 -0.35
N LEU A 290 13.90 8.35 -1.12
CA LEU A 290 14.08 9.52 -1.99
C LEU A 290 14.10 9.07 -3.46
N LYS A 291 13.13 9.51 -4.29
CA LYS A 291 13.03 9.13 -5.71
C LYS A 291 13.16 10.33 -6.64
N ILE A 292 13.57 10.09 -7.91
CA ILE A 292 13.57 11.16 -8.92
C ILE A 292 12.09 11.26 -9.31
N ASN A 293 11.53 12.48 -9.24
CA ASN A 293 10.10 12.75 -9.47
C ASN A 293 9.66 12.55 -10.91
N ASP A 294 10.47 13.02 -11.87
CA ASP A 294 10.17 12.91 -13.28
C ASP A 294 10.25 11.47 -13.74
N ILE A 295 9.14 10.93 -14.29
CA ILE A 295 9.07 9.54 -14.76
C ILE A 295 9.96 9.29 -16.01
N ALA A 296 10.22 10.32 -16.83
CA ALA A 296 11.06 10.13 -18.03
C ALA A 296 12.53 9.93 -17.61
N LEU A 297 13.00 10.68 -16.59
CA LEU A 297 14.35 10.55 -16.05
C LEU A 297 14.52 9.20 -15.34
N GLN A 298 13.43 8.63 -14.73
CA GLN A 298 13.45 7.30 -14.12
C GLN A 298 13.70 6.28 -15.21
N ASN A 299 12.86 6.32 -16.27
CA ASN A 299 13.01 5.43 -17.43
C ASN A 299 14.42 5.52 -18.03
N GLU A 300 14.99 6.75 -18.10
CA GLU A 300 16.35 6.96 -18.63
C GLU A 300 17.41 6.31 -17.72
N LEU A 301 17.33 6.55 -16.38
CA LEU A 301 18.27 5.98 -15.40
C LEU A 301 18.17 4.43 -15.30
N GLY A 302 16.98 3.88 -15.40
CA GLY A 302 16.76 2.43 -15.36
C GLY A 302 17.02 1.77 -14.00
N PHE A 303 17.19 0.42 -14.04
CA PHE A 303 17.43 -0.40 -12.85
C PHE A 303 18.57 -1.41 -13.02
N ILE A 304 19.06 -1.92 -11.89
CA ILE A 304 20.17 -2.87 -11.81
C ILE A 304 19.71 -4.19 -11.18
N SER A 305 20.22 -5.33 -11.67
CA SER A 305 19.96 -6.67 -11.09
C SER A 305 20.83 -7.78 -11.72
N LYS A 306 21.64 -8.56 -10.98
CA LYS A 306 21.95 -8.47 -9.54
C LYS A 306 23.41 -8.08 -9.51
N ALA A 307 23.72 -6.81 -9.18
CA ALA A 307 25.08 -6.31 -9.30
C ALA A 307 25.76 -5.92 -8.00
N PRO A 308 27.09 -6.18 -7.92
CA PRO A 308 27.83 -5.81 -6.72
C PRO A 308 28.07 -4.31 -6.61
N ARG A 309 28.20 -3.84 -5.36
CA ARG A 309 28.53 -2.45 -5.08
C ARG A 309 30.06 -2.23 -5.21
N TRP A 310 30.84 -3.34 -5.30
CA TRP A 310 32.31 -3.34 -5.40
C TRP A 310 32.87 -3.45 -6.84
N ALA A 311 31.98 -3.52 -7.89
CA ALA A 311 32.41 -3.58 -9.28
C ALA A 311 31.62 -2.64 -10.19
N ILE A 312 32.28 -2.12 -11.24
CA ILE A 312 31.62 -1.31 -12.27
C ILE A 312 32.25 -1.59 -13.63
N ALA A 313 31.44 -1.62 -14.67
CA ALA A 313 31.88 -1.75 -16.04
C ALA A 313 31.92 -0.35 -16.65
N TYR A 314 33.11 0.26 -16.79
CA TYR A 314 33.22 1.58 -17.43
C TYR A 314 33.23 1.30 -18.95
N LYS A 315 32.08 1.51 -19.61
CA LYS A 315 31.86 1.25 -21.03
C LYS A 315 32.51 2.33 -21.92
N PHE A 316 32.90 1.93 -23.15
CA PHE A 316 33.52 2.87 -24.10
C PHE A 316 32.44 3.66 -24.85
N PRO A 317 32.67 4.96 -25.15
CA PRO A 317 31.69 5.71 -25.97
C PRO A 317 31.83 5.34 -27.45
C1 IWH B . -18.24 0.04 15.59
N1 IWH B . -14.76 3.17 11.02
O1 IWH B . -14.04 1.24 10.01
C2 IWH B . -17.18 0.73 14.75
N2 IWH B . -16.89 6.79 10.98
O2 IWH B . -17.28 6.53 8.81
C3 IWH B . -17.44 1.08 13.45
C4 IWH B . -16.48 1.68 12.66
C5 IWH B . -15.21 1.96 13.17
C6 IWH B . -14.91 1.59 14.50
C7 IWH B . -15.91 0.98 15.26
C8 IWH B . -13.54 1.76 15.10
C9 IWH B . -14.20 2.71 12.33
C10 IWH B . -15.43 4.37 10.95
C11 IWH B . -15.97 4.83 9.79
C12 IWH B . -15.77 4.03 8.62
C13 IWH B . -15.13 2.85 8.68
C14 IWH B . -14.58 2.35 9.90
C15 IWH B . -16.76 6.10 9.84
O1 JCF C . 8.14 2.68 2.52
C10 JCF C . 8.74 1.74 1.99
N1 JCF C . 9.25 0.74 2.70
C6 JCF C . 8.96 1.73 0.50
C5 JCF C . 9.35 0.59 -0.17
C7 JCF C . 8.81 2.94 -0.19
C8 JCF C . 9.06 3.01 -1.54
O JCF C . 8.84 4.17 -2.21
C9 JCF C . 9.46 1.84 -2.26
C4 JCF C . 9.62 0.62 -1.55
C3 JCF C . 9.98 -0.51 -2.31
C2 JCF C . 10.17 -0.39 -3.66
N JCF C . 9.64 1.94 -3.62
C1 JCF C . 10.00 0.85 -4.29
C JCF C . 10.26 1.00 -5.76
#